data_5XN5
#
_entry.id   5XN5
#
_cell.length_a   56.022
_cell.length_b   74.118
_cell.length_c   71.288
_cell.angle_alpha   90.000
_cell.angle_beta   90.810
_cell.angle_gamma   90.000
#
_symmetry.space_group_name_H-M   'P 1 21 1'
#
loop_
_entity.id
_entity.type
_entity.pdbx_description
1 polymer 'Os07g0580900 protein'
2 water water
#
_entity_poly.entity_id   1
_entity_poly.type   'polypeptide(L)'
_entity_poly.pdbx_seq_one_letter_code
;TGFDFNAYMGEKAAAVNRALDASIPADEPPAALHEAMRYALLAGGKRVRPALCLAACAVVGGREAWAMPAAAAVEMVHTM
SLVHDDLPCMDDDDLRRGKPTCHVVYGEPIAVLTGDALLSLSFHHMARFDSYPPDIDADKHPARVVRAIGELARCIGSEG
LVAGQVVDLEMTGSTETVPLERLEYIHLHKTAALLEASVVIGAILGGGSDEQIESLRMYARSIGLLFQVVDDILDVTKSS
EELGKTAGKDLASDKTTYPKLLGLEKSREFAEKLLSDAREQLSGFDQETAAPLLHLANYIAYRQN
;
_entity_poly.pdbx_strand_id   A,B
#
# COMPACT_ATOMS: atom_id res chain seq x y z
N GLY A 2 -9.38 -25.73 -30.80
CA GLY A 2 -9.09 -24.31 -30.94
C GLY A 2 -8.16 -23.75 -29.87
N PHE A 3 -8.75 -23.19 -28.82
CA PHE A 3 -8.00 -22.54 -27.72
C PHE A 3 -7.95 -23.47 -26.52
N ASP A 4 -6.76 -23.66 -25.94
CA ASP A 4 -6.60 -24.54 -24.78
C ASP A 4 -6.39 -23.74 -23.50
N PHE A 5 -7.47 -23.53 -22.77
CA PHE A 5 -7.44 -22.66 -21.59
C PHE A 5 -6.54 -23.20 -20.49
N ASN A 6 -6.55 -24.52 -20.29
CA ASN A 6 -5.72 -25.12 -19.27
C ASN A 6 -4.23 -24.85 -19.52
N ALA A 7 -3.82 -24.99 -20.78
CA ALA A 7 -2.45 -24.69 -21.16
C ALA A 7 -2.13 -23.21 -20.94
N TYR A 8 -3.08 -22.34 -21.28
CA TYR A 8 -2.89 -20.90 -21.14
C TYR A 8 -2.65 -20.53 -19.67
N MET A 9 -3.54 -21.02 -18.80
CA MET A 9 -3.42 -20.75 -17.38
C MET A 9 -2.08 -21.28 -16.88
N GLY A 10 -1.69 -22.46 -17.35
CA GLY A 10 -0.39 -23.01 -16.96
C GLY A 10 0.81 -22.14 -17.32
N GLU A 11 0.85 -21.64 -18.56
CA GLU A 11 2.00 -20.85 -18.99
C GLU A 11 2.01 -19.49 -18.26
N LYS A 12 0.85 -18.88 -18.08
CA LYS A 12 0.82 -17.57 -17.42
C LYS A 12 1.19 -17.73 -15.94
N ALA A 13 0.67 -18.76 -15.31
CA ALA A 13 0.99 -19.00 -13.90
C ALA A 13 2.49 -19.24 -13.74
N ALA A 14 3.08 -20.00 -14.66
CA ALA A 14 4.52 -20.23 -14.60
C ALA A 14 5.31 -18.93 -14.70
N ALA A 15 4.94 -18.12 -15.69
CA ALA A 15 5.66 -16.87 -15.93
C ALA A 15 5.56 -15.91 -14.72
N VAL A 16 4.35 -15.85 -14.17
CA VAL A 16 4.07 -14.99 -13.04
C VAL A 16 4.86 -15.45 -11.84
N ASN A 17 4.88 -16.76 -11.64
CA ASN A 17 5.62 -17.34 -10.53
C ASN A 17 7.11 -17.04 -10.62
N ARG A 18 7.66 -17.08 -11.82
CA ARG A 18 9.06 -16.64 -12.02
C ARG A 18 9.25 -15.19 -11.57
N ALA A 19 8.37 -14.31 -12.03
CA ALA A 19 8.47 -12.90 -11.64
C ALA A 19 8.35 -12.71 -10.12
N LEU A 20 7.42 -13.43 -9.50
CA LEU A 20 7.19 -13.33 -8.06
C LEU A 20 8.38 -13.82 -7.25
N ASP A 21 8.91 -14.98 -7.63
CA ASP A 21 10.06 -15.56 -6.98
C ASP A 21 11.22 -14.56 -7.06
N ALA A 22 11.36 -13.93 -8.23
CA ALA A 22 12.45 -12.96 -8.39
C ALA A 22 12.23 -11.64 -7.63
N SER A 23 10.99 -11.30 -7.30
CA SER A 23 10.69 -10.06 -6.58
C SER A 23 11.22 -9.96 -5.14
N ILE A 24 11.37 -11.09 -4.47
CA ILE A 24 11.83 -11.16 -3.12
C ILE A 24 13.13 -11.96 -2.95
N PRO A 25 14.14 -11.24 -2.35
CA PRO A 25 15.41 -11.99 -2.19
C PRO A 25 15.38 -13.20 -1.27
N ALA A 26 16.03 -14.23 -1.75
CA ALA A 26 16.13 -15.48 -1.06
C ALA A 26 16.89 -15.41 0.25
N ASP A 27 18.01 -14.70 0.29
CA ASP A 27 18.77 -14.60 1.52
C ASP A 27 19.16 -13.15 1.82
N GLU A 28 18.20 -12.25 1.99
CA GLU A 28 18.45 -10.84 2.36
C GLU A 28 18.30 -10.75 3.86
N PRO A 29 18.98 -9.80 4.45
CA PRO A 29 19.09 -9.87 5.92
C PRO A 29 17.88 -10.01 6.77
N PRO A 30 16.67 -9.36 6.52
CA PRO A 30 15.61 -9.72 7.49
C PRO A 30 14.91 -11.04 7.07
N ALA A 31 15.59 -12.12 7.33
CA ALA A 31 15.16 -13.41 6.87
C ALA A 31 13.77 -13.90 7.22
N ALA A 32 13.34 -13.72 8.44
CA ALA A 32 12.05 -14.20 8.80
C ALA A 32 11.02 -13.52 7.92
N LEU A 33 11.15 -12.23 7.72
CA LEU A 33 10.21 -11.50 6.90
C LEU A 33 10.19 -11.96 5.45
N HIS A 34 11.34 -12.04 4.86
CA HIS A 34 11.44 -12.50 3.51
C HIS A 34 10.90 -13.91 3.34
N GLU A 35 11.21 -14.80 4.26
CA GLU A 35 10.74 -16.14 4.19
C GLU A 35 9.20 -16.19 4.24
N ALA A 36 8.64 -15.42 5.15
CA ALA A 36 7.21 -15.35 5.33
C ALA A 36 6.50 -14.81 4.10
N MET A 37 7.06 -13.77 3.52
CA MET A 37 6.51 -13.15 2.35
C MET A 37 6.50 -14.14 1.20
N ARG A 38 7.60 -14.84 1.06
CA ARG A 38 7.79 -15.85 0.05
C ARG A 38 6.85 -17.02 0.24
N TYR A 39 6.64 -17.42 1.47
CA TYR A 39 5.71 -18.49 1.80
C TYR A 39 4.31 -18.09 1.40
N ALA A 40 3.88 -16.91 1.82
CA ALA A 40 2.52 -16.44 1.50
C ALA A 40 2.31 -16.31 -0.01
N LEU A 41 3.34 -15.81 -0.69
CA LEU A 41 3.20 -15.42 -2.08
C LEU A 41 3.44 -16.60 -3.05
N LEU A 42 4.30 -17.53 -2.68
CA LEU A 42 4.63 -18.63 -3.60
C LEU A 42 3.97 -19.97 -3.25
N ALA A 43 2.95 -19.93 -2.41
CA ALA A 43 2.26 -21.15 -1.98
C ALA A 43 1.19 -21.57 -2.98
N GLY A 44 1.53 -21.53 -4.26
CA GLY A 44 0.61 -21.89 -5.32
C GLY A 44 -0.53 -20.91 -5.52
N GLY A 45 -1.56 -21.36 -6.22
CA GLY A 45 -2.67 -20.51 -6.60
C GLY A 45 -2.76 -20.54 -8.12
N LYS A 46 -3.93 -20.30 -8.68
CA LYS A 46 -4.08 -20.39 -10.13
C LYS A 46 -3.68 -19.09 -10.86
N ARG A 47 -3.37 -18.03 -10.10
CA ARG A 47 -2.87 -16.74 -10.63
C ARG A 47 -3.81 -16.11 -11.64
N VAL A 48 -5.10 -16.14 -11.36
CA VAL A 48 -6.08 -15.59 -12.28
C VAL A 48 -5.92 -14.07 -12.43
N ARG A 49 -5.63 -13.35 -11.36
CA ARG A 49 -5.50 -11.89 -11.46
C ARG A 49 -4.32 -11.44 -12.35
N PRO A 50 -3.13 -12.03 -12.15
CA PRO A 50 -2.04 -11.73 -13.09
C PRO A 50 -2.38 -12.07 -14.54
N ALA A 51 -3.08 -13.19 -14.74
CA ALA A 51 -3.45 -13.59 -16.08
C ALA A 51 -4.43 -12.58 -16.67
N LEU A 52 -5.36 -12.09 -15.85
CA LEU A 52 -6.30 -11.05 -16.32
C LEU A 52 -5.54 -9.83 -16.77
N CYS A 53 -4.54 -9.45 -15.98
CA CYS A 53 -3.73 -8.27 -16.26
C CYS A 53 -2.97 -8.40 -17.59
N LEU A 54 -2.27 -9.53 -17.76
CA LEU A 54 -1.52 -9.82 -18.98
C LEU A 54 -2.44 -9.91 -20.20
N ALA A 55 -3.59 -10.59 -20.04
CA ALA A 55 -4.54 -10.71 -21.14
C ALA A 55 -5.11 -9.35 -21.53
N ALA A 56 -5.35 -8.49 -20.56
CA ALA A 56 -5.89 -7.16 -20.86
C ALA A 56 -4.84 -6.29 -21.56
N CYS A 57 -3.59 -6.46 -21.18
CA CYS A 57 -2.54 -5.74 -21.89
C CYS A 57 -2.53 -6.24 -23.35
N ALA A 58 -2.64 -7.55 -23.53
CA ALA A 58 -2.67 -8.15 -24.87
C ALA A 58 -3.85 -7.64 -25.73
N VAL A 59 -5.06 -7.61 -25.17
CA VAL A 59 -6.24 -7.30 -26.01
C VAL A 59 -6.27 -5.85 -26.46
N VAL A 60 -5.56 -4.95 -25.78
CA VAL A 60 -5.58 -3.57 -26.25
C VAL A 60 -4.40 -3.32 -27.21
N GLY A 61 -3.59 -4.34 -27.45
CA GLY A 61 -2.51 -4.25 -28.41
C GLY A 61 -1.10 -4.01 -27.87
N GLY A 62 -0.91 -4.16 -26.56
CA GLY A 62 0.41 -4.01 -25.98
C GLY A 62 1.12 -5.35 -25.94
N ARG A 63 2.40 -5.34 -25.55
CA ARG A 63 3.16 -6.57 -25.29
C ARG A 63 2.92 -6.99 -23.86
N GLU A 64 2.70 -8.28 -23.63
CA GLU A 64 2.42 -8.73 -22.27
C GLU A 64 3.53 -8.36 -21.28
N ALA A 65 4.79 -8.39 -21.73
CA ALA A 65 5.90 -8.03 -20.85
C ALA A 65 5.75 -6.62 -20.25
N TRP A 66 5.08 -5.72 -20.97
CA TRP A 66 4.89 -4.35 -20.48
C TRP A 66 4.09 -4.37 -19.18
N ALA A 67 3.25 -5.39 -19.02
CA ALA A 67 2.37 -5.40 -17.88
C ALA A 67 2.82 -6.41 -16.82
N MET A 68 3.93 -7.12 -17.05
CA MET A 68 4.31 -8.11 -16.03
C MET A 68 4.49 -7.53 -14.61
N PRO A 69 5.09 -6.31 -14.46
CA PRO A 69 5.22 -5.83 -13.08
C PRO A 69 3.88 -5.65 -12.38
N ALA A 70 2.90 -5.15 -13.12
CA ALA A 70 1.58 -4.94 -12.53
C ALA A 70 0.92 -6.29 -12.25
N ALA A 71 1.15 -7.26 -13.12
CA ALA A 71 0.60 -8.60 -12.90
C ALA A 71 1.12 -9.11 -11.55
N ALA A 72 2.42 -8.91 -11.32
CA ALA A 72 3.03 -9.36 -10.07
C ALA A 72 2.41 -8.58 -8.95
N ALA A 73 2.29 -7.27 -9.18
CA ALA A 73 1.73 -6.40 -8.17
C ALA A 73 0.33 -6.89 -7.75
N VAL A 74 -0.55 -7.25 -8.70
CA VAL A 74 -1.91 -7.56 -8.25
C VAL A 74 -1.93 -8.85 -7.43
N GLU A 75 -1.02 -9.76 -7.75
CA GLU A 75 -0.99 -10.99 -7.00
C GLU A 75 -0.44 -10.72 -5.60
N MET A 76 0.45 -9.74 -5.46
CA MET A 76 0.93 -9.37 -4.13
C MET A 76 -0.24 -8.80 -3.31
N VAL A 77 -1.06 -7.98 -3.96
CA VAL A 77 -2.18 -7.35 -3.23
C VAL A 77 -3.19 -8.42 -2.79
N HIS A 78 -3.49 -9.32 -3.73
CA HIS A 78 -4.36 -10.45 -3.45
C HIS A 78 -3.81 -11.23 -2.25
N THR A 79 -2.51 -11.48 -2.26
CA THR A 79 -1.92 -12.31 -1.21
C THR A 79 -2.05 -11.56 0.10
N MET A 80 -1.77 -10.26 0.03
CA MET A 80 -1.83 -9.45 1.23
C MET A 80 -3.21 -9.58 1.87
N SER A 81 -4.25 -9.53 1.03
CA SER A 81 -5.60 -9.57 1.60
C SER A 81 -5.86 -10.91 2.30
N LEU A 82 -5.35 -11.98 1.69
CA LEU A 82 -5.57 -13.29 2.26
C LEU A 82 -4.85 -13.39 3.60
N VAL A 83 -3.63 -12.85 3.61
CA VAL A 83 -2.82 -12.95 4.81
C VAL A 83 -3.54 -12.24 5.95
N HIS A 84 -4.17 -11.12 5.65
CA HIS A 84 -4.81 -10.37 6.74
C HIS A 84 -6.16 -10.97 7.07
N ASP A 85 -6.85 -11.49 6.05
CA ASP A 85 -8.16 -12.11 6.28
C ASP A 85 -8.14 -13.38 7.12
N ASP A 86 -7.06 -14.13 7.00
CA ASP A 86 -6.96 -15.41 7.65
C ASP A 86 -6.73 -15.27 9.14
N LEU A 87 -6.31 -14.07 9.59
CA LEU A 87 -6.03 -13.80 11.01
C LEU A 87 -7.18 -14.20 11.93
N PRO A 88 -6.86 -14.69 13.14
CA PRO A 88 -7.87 -15.17 14.11
C PRO A 88 -8.90 -14.10 14.49
N CYS A 89 -8.51 -12.82 14.53
CA CYS A 89 -9.47 -11.75 14.81
C CYS A 89 -10.39 -11.50 13.63
N MET A 90 -10.01 -12.01 12.45
CA MET A 90 -10.84 -11.84 11.24
C MET A 90 -11.72 -12.86 10.51
N ASP A 91 -11.15 -13.82 9.81
CA ASP A 91 -11.86 -15.04 9.40
C ASP A 91 -11.42 -16.26 10.19
N ASP A 92 -10.26 -16.17 10.84
CA ASP A 92 -9.73 -17.29 11.63
C ASP A 92 -9.52 -18.59 10.84
N ASP A 93 -8.85 -18.52 9.71
CA ASP A 93 -8.62 -19.72 8.91
C ASP A 93 -7.24 -20.28 9.22
N ASP A 94 -7.15 -21.60 9.46
CA ASP A 94 -5.88 -22.26 9.66
C ASP A 94 -5.32 -22.83 8.36
N LEU A 95 -6.18 -22.95 7.34
CA LEU A 95 -5.76 -23.46 6.04
C LEU A 95 -6.29 -22.61 4.90
N ARG A 96 -5.47 -22.45 3.88
CA ARG A 96 -5.88 -21.80 2.64
C ARG A 96 -5.37 -22.59 1.45
N ARG A 97 -6.31 -23.08 0.64
CA ARG A 97 -6.05 -24.04 -0.44
C ARG A 97 -5.11 -25.18 -0.04
N GLY A 98 -5.47 -25.90 1.01
CA GLY A 98 -4.76 -27.07 1.45
C GLY A 98 -3.41 -26.83 2.11
N LYS A 99 -3.09 -25.57 2.38
CA LYS A 99 -1.80 -25.20 2.94
C LYS A 99 -1.99 -24.35 4.21
N PRO A 100 -1.18 -24.58 5.26
CA PRO A 100 -1.32 -23.77 6.48
C PRO A 100 -1.16 -22.29 6.16
N THR A 101 -2.01 -21.46 6.77
CA THR A 101 -1.99 -20.02 6.51
C THR A 101 -0.77 -19.37 7.13
N CYS A 102 -0.49 -18.14 6.71
CA CYS A 102 0.73 -17.45 7.10
C CYS A 102 0.89 -17.33 8.61
N HIS A 103 -0.19 -16.99 9.32
CA HIS A 103 -0.08 -16.75 10.76
C HIS A 103 0.11 -18.05 11.55
N VAL A 104 -0.36 -19.17 11.02
CA VAL A 104 -0.14 -20.44 11.71
C VAL A 104 1.33 -20.77 11.72
N VAL A 105 1.99 -20.58 10.58
CA VAL A 105 3.38 -20.96 10.40
C VAL A 105 4.33 -19.94 11.04
N TYR A 106 3.97 -18.65 10.97
CA TYR A 106 4.90 -17.61 11.41
C TYR A 106 4.45 -16.77 12.60
N GLY A 107 3.23 -16.97 13.07
CA GLY A 107 2.72 -16.17 14.17
C GLY A 107 1.99 -14.93 13.67
N GLU A 108 1.07 -14.42 14.48
CA GLU A 108 0.25 -13.26 14.09
C GLU A 108 1.03 -11.96 13.79
N PRO A 109 2.03 -11.59 14.64
CA PRO A 109 2.77 -10.36 14.32
C PRO A 109 3.42 -10.41 12.94
N ILE A 110 4.11 -11.50 12.67
CA ILE A 110 4.77 -11.66 11.39
C ILE A 110 3.74 -11.64 10.25
N ALA A 111 2.54 -12.18 10.46
CA ALA A 111 1.54 -12.20 9.39
C ALA A 111 1.01 -10.80 9.10
N VAL A 112 0.72 -10.05 10.16
CA VAL A 112 0.32 -8.67 9.95
C VAL A 112 1.40 -7.91 9.17
N LEU A 113 2.64 -8.03 9.62
CA LEU A 113 3.75 -7.29 9.00
C LEU A 113 4.04 -7.76 7.56
N THR A 114 3.86 -9.06 7.33
CA THR A 114 4.05 -9.66 6.02
C THR A 114 3.02 -9.10 5.05
N GLY A 115 1.80 -8.96 5.53
CA GLY A 115 0.78 -8.28 4.73
C GLY A 115 1.21 -6.87 4.37
N ASP A 116 1.66 -6.12 5.38
CA ASP A 116 2.13 -4.74 5.14
C ASP A 116 3.28 -4.65 4.12
N ALA A 117 4.21 -5.58 4.25
CA ALA A 117 5.37 -5.62 3.36
C ALA A 117 4.99 -5.99 1.93
N LEU A 118 4.02 -6.90 1.76
CA LEU A 118 3.57 -7.26 0.42
C LEU A 118 2.88 -6.09 -0.26
N LEU A 119 2.07 -5.39 0.54
CA LEU A 119 1.34 -4.24 0.03
C LEU A 119 2.33 -3.18 -0.46
N SER A 120 3.32 -2.88 0.34
CA SER A 120 4.28 -1.94 -0.15
C SER A 120 5.13 -2.47 -1.32
N LEU A 121 5.46 -3.75 -1.34
CA LEU A 121 6.24 -4.29 -2.45
C LEU A 121 5.47 -4.17 -3.76
N SER A 122 4.15 -4.28 -3.73
CA SER A 122 3.41 -4.20 -5.00
C SER A 122 3.69 -2.82 -5.67
N PHE A 123 3.61 -1.75 -4.88
CA PHE A 123 3.85 -0.39 -5.39
C PHE A 123 5.29 -0.13 -5.73
N HIS A 124 6.20 -0.58 -4.87
CA HIS A 124 7.61 -0.47 -5.14
C HIS A 124 7.95 -1.10 -6.49
N HIS A 125 7.46 -2.32 -6.67
CA HIS A 125 7.77 -3.09 -7.86
C HIS A 125 7.19 -2.45 -9.11
N MET A 126 5.95 -1.94 -9.02
CA MET A 126 5.33 -1.34 -10.21
C MET A 126 5.93 0.03 -10.54
N ALA A 127 6.54 0.68 -9.56
CA ALA A 127 7.11 2.01 -9.79
C ALA A 127 8.56 2.02 -10.31
N ARG A 128 9.30 0.94 -10.13
CA ARG A 128 10.67 0.91 -10.60
C ARG A 128 10.71 0.88 -12.11
N PHE A 129 11.37 1.86 -12.71
CA PHE A 129 11.50 1.90 -14.16
C PHE A 129 12.20 0.65 -14.69
N ASP A 130 13.11 0.09 -13.90
CA ASP A 130 13.84 -1.13 -14.30
C ASP A 130 13.01 -2.42 -14.21
N SER A 131 11.79 -2.34 -13.67
CA SER A 131 10.89 -3.50 -13.68
C SER A 131 10.39 -3.77 -15.10
N TYR A 132 10.45 -2.76 -15.96
CA TYR A 132 9.83 -2.86 -17.28
C TYR A 132 10.86 -3.19 -18.36
N PRO A 133 10.40 -3.83 -19.46
CA PRO A 133 11.30 -4.15 -20.58
C PRO A 133 11.75 -2.90 -21.32
N PRO A 134 12.86 -2.98 -22.07
CA PRO A 134 13.45 -1.81 -22.74
C PRO A 134 12.58 -1.19 -23.84
N ASP A 135 11.60 -1.93 -24.36
CA ASP A 135 10.85 -1.41 -25.51
C ASP A 135 9.59 -0.61 -25.15
N ILE A 136 9.43 -0.24 -23.88
CA ILE A 136 8.30 0.60 -23.48
C ILE A 136 8.43 1.98 -24.12
N ASP A 137 7.29 2.64 -24.33
CA ASP A 137 7.25 4.00 -24.82
C ASP A 137 7.76 4.95 -23.73
N ALA A 138 8.98 5.47 -23.88
CA ALA A 138 9.58 6.31 -22.84
C ALA A 138 8.79 7.59 -22.60
N ASP A 139 8.10 8.09 -23.62
CA ASP A 139 7.36 9.33 -23.47
C ASP A 139 6.08 9.09 -22.68
N LYS A 140 5.33 8.05 -23.03
CA LYS A 140 4.01 7.85 -22.44
C LYS A 140 3.99 6.98 -21.17
N HIS A 141 5.01 6.15 -20.99
CA HIS A 141 5.00 5.15 -19.92
C HIS A 141 4.87 5.73 -18.52
N PRO A 142 5.59 6.83 -18.21
CA PRO A 142 5.41 7.37 -16.85
C PRO A 142 3.97 7.72 -16.47
N ALA A 143 3.21 8.36 -17.36
CA ALA A 143 1.85 8.75 -17.02
C ALA A 143 0.97 7.51 -16.88
N ARG A 144 1.26 6.49 -17.69
CA ARG A 144 0.53 5.23 -17.58
C ARG A 144 0.80 4.56 -16.25
N VAL A 145 2.06 4.55 -15.82
CA VAL A 145 2.41 3.93 -14.55
C VAL A 145 1.73 4.70 -13.41
N VAL A 146 1.76 6.04 -13.46
CA VAL A 146 1.05 6.78 -12.42
C VAL A 146 -0.44 6.37 -12.37
N ARG A 147 -1.07 6.36 -13.53
CA ARG A 147 -2.50 6.03 -13.60
C ARG A 147 -2.77 4.63 -13.04
N ALA A 148 -1.93 3.66 -13.41
CA ALA A 148 -2.10 2.27 -12.97
C ALA A 148 -1.91 2.14 -11.46
N ILE A 149 -0.94 2.86 -10.92
CA ILE A 149 -0.69 2.87 -9.48
C ILE A 149 -1.91 3.41 -8.73
N GLY A 150 -2.48 4.50 -9.24
CA GLY A 150 -3.72 5.04 -8.69
C GLY A 150 -4.88 4.03 -8.70
N GLU A 151 -5.07 3.36 -9.83
CA GLU A 151 -6.15 2.36 -9.92
C GLU A 151 -5.91 1.22 -8.92
N LEU A 152 -4.67 0.77 -8.83
CA LEU A 152 -4.35 -0.31 -7.91
C LEU A 152 -4.62 0.08 -6.46
N ALA A 153 -4.18 1.28 -6.08
CA ALA A 153 -4.40 1.75 -4.73
C ALA A 153 -5.90 1.89 -4.46
N ARG A 154 -6.63 2.45 -5.42
CA ARG A 154 -8.07 2.65 -5.27
C ARG A 154 -8.80 1.33 -4.98
N CYS A 155 -8.37 0.25 -5.63
CA CYS A 155 -9.10 -1.01 -5.45
C CYS A 155 -8.86 -1.64 -4.08
N ILE A 156 -7.86 -1.17 -3.34
CA ILE A 156 -7.51 -1.76 -2.05
C ILE A 156 -8.25 -1.22 -0.81
N GLY A 157 -8.42 0.10 -0.76
CA GLY A 157 -8.82 0.75 0.48
C GLY A 157 -10.30 0.84 0.69
N SER A 158 -10.75 1.99 1.20
CA SER A 158 -12.13 2.17 1.65
C SER A 158 -13.13 2.29 0.51
N GLU A 159 -12.65 2.29 -0.73
CA GLU A 159 -13.52 2.25 -1.89
C GLU A 159 -13.48 0.86 -2.53
N GLY A 160 -12.73 -0.06 -1.93
CA GLY A 160 -12.64 -1.38 -2.51
C GLY A 160 -12.54 -2.49 -1.49
N LEU A 161 -11.46 -3.25 -1.58
CA LEU A 161 -11.25 -4.48 -0.83
C LEU A 161 -11.52 -4.35 0.69
N VAL A 162 -10.86 -3.38 1.32
CA VAL A 162 -11.01 -3.21 2.76
C VAL A 162 -12.43 -2.84 3.17
N ALA A 163 -13.07 -2.00 2.38
CA ALA A 163 -14.46 -1.63 2.64
C ALA A 163 -15.36 -2.88 2.67
N GLY A 164 -15.10 -3.78 1.72
CA GLY A 164 -15.85 -5.02 1.63
C GLY A 164 -15.58 -5.89 2.83
N GLN A 165 -14.35 -5.99 3.27
CA GLN A 165 -14.10 -6.82 4.42
C GLN A 165 -14.69 -6.23 5.69
N VAL A 166 -14.60 -4.94 5.85
CA VAL A 166 -15.21 -4.28 7.01
C VAL A 166 -16.71 -4.60 7.05
N VAL A 167 -17.38 -4.41 5.91
CA VAL A 167 -18.81 -4.67 5.85
C VAL A 167 -19.16 -6.15 6.07
N ASP A 168 -18.38 -7.06 5.48
CA ASP A 168 -18.60 -8.49 5.63
C ASP A 168 -18.44 -8.95 7.08
N LEU A 169 -17.55 -8.29 7.81
CA LEU A 169 -17.36 -8.59 9.24
C LEU A 169 -18.54 -8.14 10.10
N GLU A 170 -19.16 -7.02 9.73
CA GLU A 170 -20.22 -6.44 10.54
C GLU A 170 -21.39 -7.40 10.67
N MET A 171 -21.42 -8.12 11.77
CA MET A 171 -22.43 -9.13 11.92
C MET A 171 -23.29 -9.07 13.15
N THR A 177 -30.50 -11.58 8.70
CA THR A 177 -29.91 -11.86 7.39
C THR A 177 -29.78 -10.59 6.55
N VAL A 178 -28.89 -10.64 5.58
CA VAL A 178 -28.49 -9.48 4.80
C VAL A 178 -29.32 -9.24 3.52
N PRO A 179 -29.74 -7.97 3.28
CA PRO A 179 -30.44 -7.62 2.05
C PRO A 179 -29.57 -7.73 0.79
N LEU A 180 -30.21 -7.87 -0.36
CA LEU A 180 -29.51 -8.12 -1.62
C LEU A 180 -28.49 -7.04 -1.97
N GLU A 181 -28.82 -5.80 -1.63
CA GLU A 181 -27.96 -4.65 -1.88
C GLU A 181 -26.62 -4.77 -1.15
N ARG A 182 -26.68 -5.23 0.10
CA ARG A 182 -25.51 -5.34 0.93
C ARG A 182 -24.67 -6.54 0.53
N LEU A 183 -25.34 -7.62 0.13
CA LEU A 183 -24.64 -8.79 -0.37
C LEU A 183 -23.87 -8.45 -1.63
N GLU A 184 -24.51 -7.77 -2.58
CA GLU A 184 -23.80 -7.41 -3.80
C GLU A 184 -22.68 -6.40 -3.49
N TYR A 185 -22.94 -5.47 -2.57
CA TYR A 185 -21.90 -4.55 -2.14
C TYR A 185 -20.66 -5.33 -1.68
N ILE A 186 -20.87 -6.28 -0.78
CA ILE A 186 -19.77 -7.05 -0.23
C ILE A 186 -19.01 -7.77 -1.33
N HIS A 187 -19.73 -8.44 -2.23
CA HIS A 187 -19.03 -9.15 -3.31
C HIS A 187 -18.33 -8.23 -4.31
N LEU A 188 -18.94 -7.10 -4.64
CA LEU A 188 -18.31 -6.15 -5.56
C LEU A 188 -17.01 -5.62 -4.95
N HIS A 189 -16.99 -5.41 -3.64
CA HIS A 189 -15.79 -4.87 -3.00
C HIS A 189 -14.73 -5.93 -2.67
N LYS A 190 -15.15 -7.08 -2.16
CA LYS A 190 -14.22 -8.14 -1.79
C LYS A 190 -13.71 -8.96 -2.96
N THR A 191 -14.44 -8.98 -4.07
CA THR A 191 -14.02 -9.79 -5.22
C THR A 191 -13.84 -8.96 -6.49
N ALA A 192 -14.87 -8.20 -6.87
CA ALA A 192 -14.81 -7.52 -8.16
C ALA A 192 -13.72 -6.43 -8.21
N ALA A 193 -13.50 -5.69 -7.12
CA ALA A 193 -12.60 -4.51 -7.19
C ALA A 193 -11.19 -4.85 -7.70
N LEU A 194 -10.62 -5.94 -7.19
CA LEU A 194 -9.26 -6.31 -7.56
C LEU A 194 -9.23 -6.95 -8.94
N LEU A 195 -10.32 -7.60 -9.36
CA LEU A 195 -10.40 -8.11 -10.74
C LEU A 195 -10.41 -6.92 -11.72
N GLU A 196 -11.21 -5.90 -11.38
CA GLU A 196 -11.31 -4.68 -12.17
C GLU A 196 -9.95 -4.02 -12.24
N ALA A 197 -9.29 -3.89 -11.10
CA ALA A 197 -7.98 -3.28 -11.10
C ALA A 197 -7.03 -4.06 -12.01
N SER A 198 -7.08 -5.41 -11.96
CA SER A 198 -6.17 -6.22 -12.78
C SER A 198 -6.32 -5.91 -14.27
N VAL A 199 -7.54 -6.00 -14.78
CA VAL A 199 -7.69 -5.75 -16.22
C VAL A 199 -7.48 -4.28 -16.57
N VAL A 200 -7.85 -3.38 -15.66
CA VAL A 200 -7.73 -1.94 -15.94
C VAL A 200 -6.25 -1.54 -16.01
N ILE A 201 -5.45 -2.05 -15.10
CA ILE A 201 -4.03 -1.79 -15.07
C ILE A 201 -3.35 -2.39 -16.30
N GLY A 202 -3.70 -3.61 -16.59
CA GLY A 202 -3.18 -4.24 -17.79
C GLY A 202 -3.46 -3.41 -19.03
N ALA A 203 -4.70 -2.95 -19.16
CA ALA A 203 -5.10 -2.14 -20.31
C ALA A 203 -4.39 -0.78 -20.35
N ILE A 204 -4.21 -0.16 -19.19
CA ILE A 204 -3.54 1.13 -19.10
C ILE A 204 -2.10 1.02 -19.62
N LEU A 205 -1.36 0.08 -19.03
CA LEU A 205 0.04 -0.14 -19.38
C LEU A 205 0.21 -0.63 -20.81
N GLY A 206 -0.85 -1.24 -21.35
CA GLY A 206 -0.84 -1.70 -22.73
C GLY A 206 -1.10 -0.61 -23.75
N GLY A 207 -1.42 0.59 -23.26
CA GLY A 207 -1.70 1.71 -24.14
C GLY A 207 -3.14 1.76 -24.61
N GLY A 208 -4.03 1.08 -23.88
CA GLY A 208 -5.44 1.08 -24.23
C GLY A 208 -6.12 2.44 -24.13
N SER A 209 -7.18 2.64 -24.93
CA SER A 209 -8.01 3.87 -24.87
C SER A 209 -8.90 3.88 -23.63
N ASP A 210 -9.45 5.04 -23.28
CA ASP A 210 -10.38 5.14 -22.16
C ASP A 210 -11.61 4.22 -22.35
N GLU A 211 -12.08 4.16 -23.59
CA GLU A 211 -13.23 3.31 -23.93
C GLU A 211 -12.91 1.82 -23.70
N GLN A 212 -11.73 1.41 -24.13
CA GLN A 212 -11.31 0.02 -23.98
C GLN A 212 -11.15 -0.32 -22.50
N ILE A 213 -10.53 0.61 -21.77
CA ILE A 213 -10.33 0.43 -20.34
C ILE A 213 -11.67 0.26 -19.60
N GLU A 214 -12.65 1.10 -19.93
CA GLU A 214 -13.92 1.00 -19.23
C GLU A 214 -14.70 -0.26 -19.61
N SER A 215 -14.64 -0.69 -20.87
CA SER A 215 -15.26 -1.96 -21.26
C SER A 215 -14.65 -3.13 -20.47
N LEU A 216 -13.32 -3.16 -20.36
CA LEU A 216 -12.67 -4.25 -19.62
C LEU A 216 -13.07 -4.18 -18.15
N ARG A 217 -13.18 -2.97 -17.62
CA ARG A 217 -13.61 -2.79 -16.22
C ARG A 217 -14.99 -3.41 -16.00
N MET A 218 -15.90 -3.18 -16.93
CA MET A 218 -17.24 -3.77 -16.81
C MET A 218 -17.20 -5.29 -16.94
N TYR A 219 -16.35 -5.78 -17.86
CA TYR A 219 -16.14 -7.23 -17.97
C TYR A 219 -15.74 -7.83 -16.62
N ALA A 220 -14.80 -7.17 -15.95
CA ALA A 220 -14.29 -7.67 -14.67
C ALA A 220 -15.34 -7.58 -13.57
N ARG A 221 -16.19 -6.54 -13.60
CA ARG A 221 -17.25 -6.44 -12.62
C ARG A 221 -18.22 -7.62 -12.77
N SER A 222 -18.55 -7.91 -14.03
CA SER A 222 -19.47 -9.01 -14.29
C SER A 222 -18.89 -10.37 -13.89
N ILE A 223 -17.65 -10.67 -14.27
CA ILE A 223 -17.15 -12.00 -13.88
C ILE A 223 -16.88 -12.09 -12.38
N GLY A 224 -16.61 -10.97 -11.73
CA GLY A 224 -16.39 -10.98 -10.30
C GLY A 224 -17.65 -11.38 -9.58
N LEU A 225 -18.74 -10.74 -9.97
CA LEU A 225 -20.05 -11.10 -9.40
C LEU A 225 -20.42 -12.54 -9.73
N LEU A 226 -20.21 -12.92 -10.99
CA LEU A 226 -20.52 -14.25 -11.48
C LEU A 226 -19.84 -15.32 -10.62
N PHE A 227 -18.59 -15.07 -10.26
CA PHE A 227 -17.86 -16.02 -9.45
C PHE A 227 -18.60 -16.34 -8.14
N GLN A 228 -19.06 -15.31 -7.44
CA GLN A 228 -19.71 -15.50 -6.14
C GLN A 228 -21.12 -16.08 -6.30
N VAL A 229 -21.79 -15.67 -7.38
CA VAL A 229 -23.12 -16.24 -7.63
C VAL A 229 -23.00 -17.76 -7.89
N VAL A 230 -22.06 -18.14 -8.74
CA VAL A 230 -21.83 -19.54 -9.04
C VAL A 230 -21.39 -20.32 -7.80
N ASP A 231 -20.53 -19.74 -7.00
CA ASP A 231 -20.15 -20.40 -5.74
C ASP A 231 -21.38 -20.74 -4.88
N ASP A 232 -22.29 -19.78 -4.69
CA ASP A 232 -23.54 -20.05 -3.95
C ASP A 232 -24.38 -21.18 -4.60
N ILE A 233 -24.49 -21.14 -5.92
CA ILE A 233 -25.25 -22.17 -6.63
C ILE A 233 -24.65 -23.58 -6.40
N LEU A 234 -23.34 -23.68 -6.57
CA LEU A 234 -22.60 -24.92 -6.35
C LEU A 234 -22.73 -25.40 -4.91
N ASP A 235 -22.81 -24.46 -3.97
CA ASP A 235 -22.95 -24.85 -2.58
C ASP A 235 -24.30 -25.51 -2.35
N VAL A 236 -25.30 -25.08 -3.12
CA VAL A 236 -26.60 -25.70 -2.95
C VAL A 236 -26.74 -27.03 -3.71
N THR A 237 -26.10 -27.13 -4.88
CA THR A 237 -26.20 -28.34 -5.69
C THR A 237 -25.25 -29.45 -5.28
N LYS A 238 -24.24 -29.12 -4.47
CA LYS A 238 -23.26 -30.10 -4.05
C LYS A 238 -23.22 -30.19 -2.53
N ASP A 250 -18.99 -18.28 8.45
CA ASP A 250 -18.53 -17.27 9.41
C ASP A 250 -19.16 -15.90 9.12
N LEU A 251 -18.95 -15.42 7.89
CA LEU A 251 -19.24 -14.03 7.54
C LEU A 251 -20.65 -13.81 6.98
N ALA A 252 -21.00 -12.54 6.76
CA ALA A 252 -22.32 -12.19 6.22
C ALA A 252 -22.54 -12.79 4.83
N SER A 253 -21.49 -12.78 4.02
CA SER A 253 -21.54 -13.31 2.66
C SER A 253 -21.53 -14.84 2.63
N ASP A 254 -21.29 -15.47 3.79
CA ASP A 254 -21.41 -16.91 3.92
C ASP A 254 -22.85 -17.29 4.30
N LYS A 255 -23.40 -16.58 5.27
CA LYS A 255 -24.73 -16.86 5.79
C LYS A 255 -25.82 -16.46 4.81
N THR A 256 -25.61 -15.32 4.16
CA THR A 256 -26.57 -14.83 3.18
C THR A 256 -26.11 -15.26 1.79
N THR A 257 -27.00 -15.89 1.03
CA THR A 257 -26.61 -16.37 -0.30
C THR A 257 -27.59 -15.92 -1.35
N TYR A 258 -27.17 -15.99 -2.60
CA TYR A 258 -28.06 -15.66 -3.71
C TYR A 258 -29.27 -16.62 -3.75
N PRO A 259 -29.08 -17.94 -3.53
CA PRO A 259 -30.30 -18.76 -3.59
C PRO A 259 -31.27 -18.51 -2.43
N LYS A 260 -30.75 -18.13 -1.26
CA LYS A 260 -31.64 -17.80 -0.14
C LYS A 260 -32.45 -16.53 -0.45
N LEU A 261 -31.84 -15.60 -1.20
CA LEU A 261 -32.49 -14.35 -1.55
C LEU A 261 -33.42 -14.47 -2.75
N LEU A 262 -32.98 -15.20 -3.77
CA LEU A 262 -33.63 -15.25 -5.07
C LEU A 262 -34.27 -16.59 -5.41
N GLY A 263 -33.84 -17.65 -4.74
CA GLY A 263 -34.19 -18.99 -5.16
C GLY A 263 -33.13 -19.46 -6.16
N LEU A 264 -32.95 -20.77 -6.28
CA LEU A 264 -31.90 -21.34 -7.13
C LEU A 264 -32.06 -21.02 -8.61
N GLU A 265 -33.30 -20.98 -9.08
CA GLU A 265 -33.56 -20.78 -10.49
C GLU A 265 -33.27 -19.33 -10.92
N LYS A 266 -33.67 -18.37 -10.08
CA LYS A 266 -33.36 -16.97 -10.37
C LYS A 266 -31.85 -16.70 -10.21
N SER A 267 -31.20 -17.38 -9.29
CA SER A 267 -29.75 -17.30 -9.14
C SER A 267 -29.07 -17.75 -10.43
N ARG A 268 -29.52 -18.89 -10.96
CA ARG A 268 -28.95 -19.40 -12.20
C ARG A 268 -29.19 -18.45 -13.36
N GLU A 269 -30.39 -17.86 -13.41
CA GLU A 269 -30.71 -16.89 -14.44
C GLU A 269 -29.79 -15.68 -14.36
N PHE A 270 -29.53 -15.25 -13.13
CA PHE A 270 -28.69 -14.09 -12.88
C PHE A 270 -27.27 -14.41 -13.34
N ALA A 271 -26.80 -15.62 -13.04
CA ALA A 271 -25.47 -16.06 -13.48
C ALA A 271 -25.36 -16.02 -15.01
N GLU A 272 -26.38 -16.54 -15.67
CA GLU A 272 -26.43 -16.52 -17.13
C GLU A 272 -26.38 -15.07 -17.65
N LYS A 273 -27.13 -14.17 -17.03
CA LYS A 273 -27.14 -12.78 -17.43
C LYS A 273 -25.75 -12.13 -17.23
N LEU A 274 -25.08 -12.44 -16.12
CA LEU A 274 -23.74 -11.90 -15.86
C LEU A 274 -22.74 -12.40 -16.92
N LEU A 275 -22.85 -13.68 -17.28
CA LEU A 275 -21.98 -14.27 -18.29
C LEU A 275 -22.17 -13.60 -19.65
N SER A 276 -23.43 -13.41 -20.03
CA SER A 276 -23.71 -12.78 -21.33
C SER A 276 -23.23 -11.34 -21.32
N ASP A 277 -23.40 -10.64 -20.20
CA ASP A 277 -22.91 -9.28 -20.08
C ASP A 277 -21.37 -9.20 -20.23
N ALA A 278 -20.68 -10.08 -19.51
CA ALA A 278 -19.22 -10.20 -19.58
C ALA A 278 -18.78 -10.38 -21.00
N ARG A 279 -19.44 -11.31 -21.69
CA ARG A 279 -19.08 -11.60 -23.07
C ARG A 279 -19.35 -10.38 -23.95
N GLU A 280 -20.45 -9.67 -23.69
CA GLU A 280 -20.78 -8.51 -24.53
C GLU A 280 -19.81 -7.35 -24.35
N GLN A 281 -19.25 -7.19 -23.14
CA GLN A 281 -18.31 -6.10 -22.89
C GLN A 281 -17.08 -6.20 -23.79
N LEU A 282 -16.80 -7.41 -24.26
CA LEU A 282 -15.62 -7.68 -25.06
C LEU A 282 -15.91 -7.69 -26.56
N SER A 283 -17.12 -7.33 -26.95
CA SER A 283 -17.52 -7.47 -28.35
C SER A 283 -16.75 -6.52 -29.28
N GLY A 284 -16.10 -5.50 -28.74
CA GLY A 284 -15.36 -4.55 -29.55
C GLY A 284 -13.91 -4.93 -29.80
N PHE A 285 -13.43 -5.98 -29.13
CA PHE A 285 -12.04 -6.42 -29.26
C PHE A 285 -11.90 -7.51 -30.31
N ASP A 286 -10.67 -7.74 -30.77
CA ASP A 286 -10.40 -8.91 -31.60
C ASP A 286 -10.73 -10.18 -30.82
N GLN A 287 -11.70 -10.97 -31.28
CA GLN A 287 -12.17 -12.09 -30.46
C GLN A 287 -11.09 -13.17 -30.30
N GLU A 288 -10.16 -13.25 -31.24
CA GLU A 288 -9.03 -14.17 -31.06
C GLU A 288 -8.12 -13.70 -29.94
N THR A 289 -7.79 -12.42 -29.92
CA THR A 289 -6.93 -11.91 -28.86
C THR A 289 -7.68 -11.96 -27.52
N ALA A 290 -9.00 -11.79 -27.58
CA ALA A 290 -9.82 -11.79 -26.38
C ALA A 290 -10.18 -13.20 -25.89
N ALA A 291 -9.69 -14.22 -26.61
CA ALA A 291 -9.96 -15.61 -26.24
C ALA A 291 -9.74 -15.97 -24.75
N PRO A 292 -8.58 -15.59 -24.16
CA PRO A 292 -8.38 -15.97 -22.77
C PRO A 292 -9.46 -15.41 -21.85
N LEU A 293 -9.90 -14.18 -22.12
CA LEU A 293 -10.93 -13.53 -21.31
C LEU A 293 -12.32 -14.18 -21.45
N LEU A 294 -12.66 -14.52 -22.69
CA LEU A 294 -13.93 -15.20 -23.00
C LEU A 294 -13.95 -16.57 -22.33
N HIS A 295 -12.84 -17.29 -22.48
CA HIS A 295 -12.76 -18.65 -21.96
C HIS A 295 -12.72 -18.60 -20.43
N LEU A 296 -12.14 -17.54 -19.87
CA LEU A 296 -12.10 -17.39 -18.42
C LEU A 296 -13.53 -17.20 -17.92
N ALA A 297 -14.30 -16.39 -18.65
CA ALA A 297 -15.68 -16.17 -18.24
C ALA A 297 -16.44 -17.51 -18.25
N ASN A 298 -16.22 -18.30 -19.31
CA ASN A 298 -16.85 -19.63 -19.38
C ASN A 298 -16.46 -20.54 -18.24
N TYR A 299 -15.17 -20.55 -17.93
CA TYR A 299 -14.66 -21.35 -16.84
C TYR A 299 -15.36 -20.96 -15.54
N ILE A 300 -15.45 -19.65 -15.29
CA ILE A 300 -16.01 -19.16 -14.04
C ILE A 300 -17.49 -19.59 -13.94
N ALA A 301 -18.21 -19.50 -15.05
CA ALA A 301 -19.63 -19.84 -15.08
C ALA A 301 -19.92 -21.33 -14.91
N TYR A 302 -19.08 -22.20 -15.51
CA TYR A 302 -19.45 -23.62 -15.63
C TYR A 302 -18.60 -24.60 -14.84
N ARG A 303 -17.72 -24.09 -13.99
CA ARG A 303 -16.95 -24.92 -13.05
C ARG A 303 -17.87 -25.68 -12.09
N GLN A 304 -17.36 -26.75 -11.48
CA GLN A 304 -18.16 -27.54 -10.55
C GLN A 304 -17.54 -27.53 -9.14
N ASN A 305 -16.44 -26.78 -8.96
CA ASN A 305 -15.89 -26.51 -7.63
C ASN A 305 -15.23 -25.13 -7.57
N PHE B 3 12.72 34.84 10.37
CA PHE B 3 12.09 33.53 10.30
C PHE B 3 11.64 33.07 11.70
N ASP B 4 10.34 32.78 11.82
CA ASP B 4 9.73 32.35 13.07
C ASP B 4 9.35 30.88 13.00
N PHE B 5 10.18 30.02 13.58
CA PHE B 5 10.00 28.58 13.46
C PHE B 5 8.70 28.04 14.08
N ASN B 6 8.31 28.52 15.25
CA ASN B 6 7.05 28.08 15.86
C ASN B 6 5.86 28.43 15.00
N ALA B 7 5.88 29.64 14.44
CA ALA B 7 4.85 30.05 13.52
C ALA B 7 4.86 29.15 12.30
N TYR B 8 6.06 28.79 11.82
CA TYR B 8 6.19 27.93 10.65
C TYR B 8 5.58 26.56 10.90
N MET B 9 5.96 25.94 12.02
CA MET B 9 5.43 24.64 12.41
C MET B 9 3.92 24.69 12.53
N GLY B 10 3.41 25.77 13.14
CA GLY B 10 1.98 25.94 13.28
C GLY B 10 1.25 26.03 11.96
N GLU B 11 1.78 26.83 11.03
CA GLU B 11 1.11 27.00 9.74
C GLU B 11 1.18 25.73 8.88
N LYS B 12 2.32 25.03 8.95
CA LYS B 12 2.45 23.82 8.16
C LYS B 12 1.55 22.71 8.73
N ALA B 13 1.51 22.59 10.05
CA ALA B 13 0.65 21.59 10.68
C ALA B 13 -0.80 21.87 10.36
N ALA B 14 -1.19 23.15 10.40
CA ALA B 14 -2.56 23.53 10.07
C ALA B 14 -2.92 23.14 8.64
N ALA B 15 -2.04 23.48 7.69
CA ALA B 15 -2.28 23.15 6.29
C ALA B 15 -2.38 21.62 6.06
N VAL B 16 -1.50 20.89 6.74
CA VAL B 16 -1.43 19.44 6.58
C VAL B 16 -2.70 18.80 7.15
N ASN B 17 -3.12 19.24 8.32
CA ASN B 17 -4.35 18.74 8.92
C ASN B 17 -5.54 19.02 8.03
N ARG B 18 -5.56 20.20 7.38
CA ARG B 18 -6.63 20.46 6.41
C ARG B 18 -6.63 19.44 5.27
N ALA B 19 -5.47 19.22 4.65
CA ALA B 19 -5.39 18.23 3.56
C ALA B 19 -5.79 16.82 4.03
N LEU B 20 -5.37 16.45 5.23
CA LEU B 20 -5.68 15.12 5.77
C LEU B 20 -7.18 14.96 6.00
N ASP B 21 -7.80 15.97 6.59
CA ASP B 21 -9.24 16.00 6.84
C ASP B 21 -10.00 15.91 5.53
N ALA B 22 -9.52 16.61 4.52
CA ALA B 22 -10.18 16.59 3.22
C ALA B 22 -9.97 15.26 2.50
N SER B 23 -8.93 14.50 2.86
CA SER B 23 -8.65 13.27 2.10
C SER B 23 -9.62 12.12 2.42
N ILE B 24 -10.33 12.20 3.54
CA ILE B 24 -11.24 11.13 3.96
C ILE B 24 -12.66 11.63 4.25
N PRO B 25 -13.64 11.17 3.46
CA PRO B 25 -15.02 11.61 3.71
C PRO B 25 -15.60 11.10 5.04
N ALA B 26 -16.15 11.99 5.86
CA ALA B 26 -16.75 11.60 7.14
C ALA B 26 -18.24 11.22 6.99
N ASP B 27 -18.72 11.15 5.76
CA ASP B 27 -20.14 10.86 5.51
C ASP B 27 -20.41 9.72 4.53
N GLU B 28 -19.45 8.82 4.36
CA GLU B 28 -19.68 7.71 3.46
C GLU B 28 -19.45 6.35 4.09
N PRO B 29 -20.22 5.34 3.54
CA PRO B 29 -20.00 3.99 4.10
C PRO B 29 -18.71 3.35 3.64
N PRO B 30 -18.01 2.39 4.39
CA PRO B 30 -18.55 2.07 5.72
C PRO B 30 -18.12 3.09 6.76
N ALA B 31 -19.05 3.49 7.57
CA ALA B 31 -18.83 4.50 8.55
C ALA B 31 -17.79 4.16 9.56
N ALA B 32 -17.81 2.94 10.03
CA ALA B 32 -16.85 2.57 11.06
C ALA B 32 -15.41 2.72 10.55
N LEU B 33 -15.17 2.32 9.30
CA LEU B 33 -13.84 2.41 8.70
C LEU B 33 -13.38 3.86 8.58
N HIS B 34 -14.25 4.71 8.03
CA HIS B 34 -13.90 6.12 7.84
C HIS B 34 -13.68 6.80 9.20
N GLU B 35 -14.50 6.47 10.18
CA GLU B 35 -14.31 7.02 11.51
C GLU B 35 -12.99 6.57 12.14
N ALA B 36 -12.64 5.29 11.97
CA ALA B 36 -11.39 4.77 12.51
C ALA B 36 -10.19 5.44 11.86
N MET B 37 -10.26 5.58 10.53
CA MET B 37 -9.21 6.23 9.77
C MET B 37 -9.01 7.68 10.21
N ARG B 38 -10.10 8.42 10.28
CA ARG B 38 -10.03 9.83 10.68
C ARG B 38 -9.61 9.98 12.15
N TYR B 39 -10.07 9.08 13.00
CA TYR B 39 -9.67 9.10 14.41
C TYR B 39 -8.17 8.92 14.53
N ALA B 40 -7.65 7.89 13.87
CA ALA B 40 -6.22 7.61 13.89
C ALA B 40 -5.40 8.76 13.27
N LEU B 41 -5.89 9.30 12.15
CA LEU B 41 -5.10 10.25 11.36
C LEU B 41 -5.23 11.69 11.87
N LEU B 42 -6.38 12.03 12.43
CA LEU B 42 -6.63 13.41 12.83
C LEU B 42 -6.50 13.62 14.33
N ALA B 43 -5.82 12.69 14.98
CA ALA B 43 -5.63 12.77 16.43
C ALA B 43 -4.44 13.66 16.78
N GLY B 44 -4.34 14.81 16.15
CA GLY B 44 -3.25 15.73 16.44
C GLY B 44 -1.93 15.15 15.97
N GLY B 45 -0.85 15.65 16.54
CA GLY B 45 0.47 15.27 16.11
C GLY B 45 1.15 16.54 15.69
N LYS B 46 2.48 16.54 15.75
CA LYS B 46 3.24 17.72 15.42
C LYS B 46 3.49 17.82 13.92
N ARG B 47 3.14 16.76 13.19
CA ARG B 47 3.29 16.72 11.73
C ARG B 47 4.72 17.00 11.26
N VAL B 48 5.69 16.41 11.96
CA VAL B 48 7.09 16.64 11.62
C VAL B 48 7.46 16.07 10.26
N ARG B 49 6.97 14.88 9.93
CA ARG B 49 7.28 14.30 8.62
C ARG B 49 6.69 15.09 7.44
N PRO B 50 5.39 15.48 7.52
CA PRO B 50 4.89 16.36 6.46
C PRO B 50 5.68 17.67 6.33
N ALA B 51 6.13 18.22 7.46
CA ALA B 51 6.89 19.48 7.45
C ALA B 51 8.25 19.29 6.76
N LEU B 52 8.91 18.16 7.04
CA LEU B 52 10.15 17.83 6.37
C LEU B 52 9.95 17.74 4.86
N CYS B 53 8.83 17.15 4.46
CA CYS B 53 8.51 16.97 3.04
C CYS B 53 8.33 18.33 2.34
N LEU B 54 7.50 19.19 2.93
CA LEU B 54 7.27 20.52 2.36
C LEU B 54 8.54 21.37 2.31
N ALA B 55 9.31 21.33 3.40
CA ALA B 55 10.55 22.09 3.49
C ALA B 55 11.60 21.59 2.48
N ALA B 56 11.63 20.29 2.22
CA ALA B 56 12.58 19.77 1.23
C ALA B 56 12.14 20.15 -0.18
N CYS B 57 10.83 20.20 -0.41
CA CYS B 57 10.33 20.68 -1.70
C CYS B 57 10.73 22.15 -1.93
N ALA B 58 10.58 22.94 -0.89
CA ALA B 58 10.97 24.34 -0.93
C ALA B 58 12.48 24.52 -1.15
N VAL B 59 13.30 23.73 -0.47
CA VAL B 59 14.75 24.00 -0.49
C VAL B 59 15.35 23.73 -1.86
N VAL B 60 14.71 22.89 -2.67
CA VAL B 60 15.23 22.62 -4.01
C VAL B 60 14.64 23.57 -5.06
N GLY B 61 13.77 24.47 -4.60
CA GLY B 61 13.25 25.50 -5.47
C GLY B 61 11.86 25.22 -5.99
N GLY B 62 11.19 24.25 -5.39
CA GLY B 62 9.83 23.91 -5.79
C GLY B 62 8.83 24.73 -5.00
N ARG B 63 7.56 24.62 -5.37
CA ARG B 63 6.45 25.23 -4.63
C ARG B 63 5.99 24.20 -3.61
N GLU B 64 5.76 24.58 -2.36
CA GLU B 64 5.35 23.58 -1.36
C GLU B 64 4.07 22.82 -1.72
N ALA B 65 3.13 23.52 -2.36
CA ALA B 65 1.88 22.88 -2.78
C ALA B 65 2.16 21.70 -3.71
N TRP B 66 3.27 21.72 -4.44
CA TRP B 66 3.59 20.58 -5.31
C TRP B 66 3.77 19.29 -4.52
N ALA B 67 4.21 19.41 -3.28
CA ALA B 67 4.54 18.24 -2.49
C ALA B 67 3.49 17.98 -1.43
N MET B 68 2.45 18.82 -1.35
CA MET B 68 1.42 18.59 -0.31
C MET B 68 0.80 17.15 -0.33
N PRO B 69 0.48 16.60 -1.52
CA PRO B 69 -0.08 15.23 -1.49
C PRO B 69 0.86 14.21 -0.84
N ALA B 70 2.17 14.39 -1.08
CA ALA B 70 3.16 13.51 -0.49
C ALA B 70 3.33 13.74 1.03
N ALA B 71 3.25 14.99 1.48
CA ALA B 71 3.29 15.30 2.91
C ALA B 71 2.14 14.57 3.63
N ALA B 72 0.97 14.67 3.03
CA ALA B 72 -0.20 13.99 3.56
C ALA B 72 0.06 12.48 3.56
N ALA B 73 0.59 11.98 2.44
CA ALA B 73 0.87 10.54 2.31
C ALA B 73 1.81 10.02 3.40
N VAL B 74 2.92 10.73 3.67
CA VAL B 74 3.86 10.20 4.65
C VAL B 74 3.24 10.23 6.03
N GLU B 75 2.32 11.18 6.27
CA GLU B 75 1.66 11.14 7.58
C GLU B 75 0.65 9.97 7.66
N MET B 76 0.04 9.64 6.53
CA MET B 76 -0.85 8.47 6.50
C MET B 76 -0.04 7.21 6.79
N VAL B 77 1.15 7.13 6.21
CA VAL B 77 1.99 5.95 6.41
C VAL B 77 2.45 5.85 7.87
N HIS B 78 2.88 6.99 8.43
CA HIS B 78 3.30 7.04 9.83
C HIS B 78 2.17 6.55 10.75
N THR B 79 0.97 7.06 10.47
CA THR B 79 -0.20 6.70 11.28
C THR B 79 -0.49 5.21 11.18
N MET B 80 -0.44 4.68 9.97
CA MET B 80 -0.67 3.26 9.73
C MET B 80 0.29 2.43 10.58
N SER B 81 1.55 2.86 10.63
CA SER B 81 2.56 2.13 11.37
C SER B 81 2.22 2.13 12.86
N LEU B 82 1.66 3.24 13.34
CA LEU B 82 1.25 3.31 14.75
C LEU B 82 0.04 2.41 15.04
N VAL B 83 -0.92 2.42 14.13
CA VAL B 83 -2.13 1.63 14.30
C VAL B 83 -1.77 0.15 14.37
N HIS B 84 -0.81 -0.30 13.55
CA HIS B 84 -0.43 -1.70 13.58
C HIS B 84 0.52 -2.03 14.74
N ASP B 85 1.46 -1.13 15.06
CA ASP B 85 2.37 -1.37 16.17
C ASP B 85 1.61 -1.49 17.49
N ASP B 86 0.49 -0.77 17.61
CA ASP B 86 -0.28 -0.75 18.86
C ASP B 86 -1.12 -2.03 19.09
N LEU B 87 -1.27 -2.87 18.08
CA LEU B 87 -2.05 -4.11 18.22
C LEU B 87 -1.56 -4.99 19.39
N PRO B 88 -2.49 -5.70 20.01
CA PRO B 88 -2.14 -6.53 21.16
C PRO B 88 -1.09 -7.55 20.80
N CYS B 89 -1.13 -8.09 19.60
CA CYS B 89 -0.08 -9.03 19.22
C CYS B 89 1.28 -8.36 19.13
N MET B 90 1.33 -7.06 18.93
CA MET B 90 2.59 -6.31 18.86
C MET B 90 2.56 -5.14 19.80
N ASP B 91 3.53 -4.94 20.66
CA ASP B 91 3.52 -3.74 21.52
C ASP B 91 2.39 -3.75 22.52
N ASP B 92 1.16 -3.85 22.06
CA ASP B 92 0.03 -3.92 22.97
C ASP B 92 -0.19 -2.62 23.76
N ASP B 93 -0.41 -1.51 23.09
CA ASP B 93 -0.65 -0.26 23.81
C ASP B 93 -2.12 0.15 23.80
N ASP B 94 -2.68 0.43 24.97
CA ASP B 94 -4.04 0.88 25.12
C ASP B 94 -4.20 2.36 24.90
N LEU B 95 -3.12 3.09 25.13
CA LEU B 95 -3.18 4.51 24.99
C LEU B 95 -2.00 5.09 24.27
N ARG B 96 -2.28 6.20 23.63
CA ARG B 96 -1.26 6.94 22.91
C ARG B 96 -1.48 8.40 23.27
N ARG B 97 -0.43 9.05 23.78
CA ARG B 97 -0.60 10.31 24.48
C ARG B 97 -1.60 10.00 25.62
N GLY B 98 -2.68 10.76 25.81
CA GLY B 98 -3.67 10.50 26.84
C GLY B 98 -4.95 9.92 26.28
N LYS B 99 -4.86 9.43 25.04
CA LYS B 99 -6.05 9.01 24.31
C LYS B 99 -5.97 7.53 23.90
N PRO B 100 -7.05 6.78 24.06
CA PRO B 100 -7.01 5.37 23.72
C PRO B 100 -6.72 5.12 22.25
N THR B 101 -5.97 4.07 22.03
CA THR B 101 -5.54 3.64 20.72
C THR B 101 -6.68 3.15 19.83
N CYS B 102 -6.41 3.07 18.55
CA CYS B 102 -7.41 2.70 17.58
C CYS B 102 -8.05 1.34 17.82
N HIS B 103 -7.31 0.34 18.20
CA HIS B 103 -7.91 -0.99 18.39
C HIS B 103 -8.77 -1.00 19.64
N VAL B 104 -8.46 -0.14 20.61
CA VAL B 104 -9.32 -0.03 21.79
C VAL B 104 -10.69 0.51 21.40
N VAL B 105 -10.72 1.55 20.58
CA VAL B 105 -11.99 2.22 20.27
C VAL B 105 -12.80 1.44 19.26
N TYR B 106 -12.11 0.84 18.29
CA TYR B 106 -12.82 0.23 17.18
C TYR B 106 -12.65 -1.29 17.08
N GLY B 107 -11.81 -1.88 17.92
CA GLY B 107 -11.60 -3.32 17.87
C GLY B 107 -10.44 -3.68 16.94
N GLU B 108 -9.82 -4.81 17.19
CA GLU B 108 -8.64 -5.23 16.43
C GLU B 108 -8.89 -5.42 14.92
N PRO B 109 -10.02 -6.06 14.51
CA PRO B 109 -10.25 -6.20 13.06
C PRO B 109 -10.25 -4.85 12.34
N ILE B 110 -11.03 -3.92 12.88
CA ILE B 110 -11.13 -2.59 12.29
C ILE B 110 -9.76 -1.91 12.30
N ALA B 111 -8.95 -2.15 13.32
CA ALA B 111 -7.62 -1.50 13.38
C ALA B 111 -6.68 -2.05 12.30
N VAL B 112 -6.65 -3.37 12.13
CA VAL B 112 -5.84 -3.96 11.07
C VAL B 112 -6.28 -3.38 9.72
N LEU B 113 -7.58 -3.36 9.50
CA LEU B 113 -8.11 -2.91 8.22
C LEU B 113 -7.89 -1.41 8.01
N THR B 114 -7.93 -0.64 9.09
CA THR B 114 -7.70 0.81 9.07
C THR B 114 -6.26 1.10 8.66
N GLY B 115 -5.34 0.29 9.19
CA GLY B 115 -3.93 0.36 8.77
C GLY B 115 -3.81 0.15 7.26
N ASP B 116 -4.42 -0.92 6.78
CA ASP B 116 -4.37 -1.22 5.35
C ASP B 116 -4.98 -0.11 4.46
N ALA B 117 -6.11 0.45 4.91
CA ALA B 117 -6.77 1.50 4.14
C ALA B 117 -5.93 2.78 4.12
N LEU B 118 -5.27 3.08 5.23
CA LEU B 118 -4.41 4.29 5.26
C LEU B 118 -3.23 4.11 4.32
N LEU B 119 -2.66 2.90 4.34
CA LEU B 119 -1.50 2.62 3.52
C LEU B 119 -1.87 2.80 2.04
N SER B 120 -2.96 2.16 1.64
CA SER B 120 -3.60 2.32 0.33
C SER B 120 -3.89 3.77 -0.05
N LEU B 121 -4.46 4.52 0.89
CA LEU B 121 -4.86 5.90 0.64
C LEU B 121 -3.63 6.76 0.36
N SER B 122 -2.51 6.46 1.01
CA SER B 122 -1.31 7.27 0.83
C SER B 122 -0.90 7.24 -0.64
N PHE B 123 -0.89 6.03 -1.21
CA PHE B 123 -0.53 5.86 -2.63
C PHE B 123 -1.60 6.41 -3.57
N HIS B 124 -2.86 6.15 -3.25
CA HIS B 124 -3.96 6.68 -4.05
C HIS B 124 -3.87 8.20 -4.14
N HIS B 125 -3.70 8.83 -3.00
CA HIS B 125 -3.66 10.29 -2.90
C HIS B 125 -2.44 10.85 -3.64
N MET B 126 -1.27 10.18 -3.53
CA MET B 126 -0.09 10.71 -4.23
C MET B 126 -0.16 10.52 -5.72
N ALA B 127 -0.91 9.52 -6.18
CA ALA B 127 -0.99 9.23 -7.62
C ALA B 127 -2.09 9.98 -8.40
N ARG B 128 -3.08 10.53 -7.72
CA ARG B 128 -4.10 11.30 -8.43
C ARG B 128 -3.53 12.63 -8.90
N PHE B 129 -3.53 12.86 -10.22
CA PHE B 129 -3.05 14.16 -10.71
C PHE B 129 -3.88 15.32 -10.17
N ASP B 130 -5.16 15.07 -9.88
CA ASP B 130 -5.99 16.16 -9.37
C ASP B 130 -5.66 16.52 -7.91
N SER B 131 -4.79 15.73 -7.27
CA SER B 131 -4.33 16.10 -5.92
C SER B 131 -3.41 17.31 -5.96
N TYR B 132 -2.83 17.58 -7.12
CA TYR B 132 -1.78 18.59 -7.24
C TYR B 132 -2.34 19.91 -7.75
N PRO B 133 -1.63 21.02 -7.49
CA PRO B 133 -2.08 22.33 -7.99
C PRO B 133 -1.98 22.44 -9.52
N PRO B 134 -2.74 23.36 -10.12
CA PRO B 134 -2.76 23.45 -11.58
C PRO B 134 -1.42 23.90 -12.18
N ASP B 135 -0.51 24.48 -11.41
CA ASP B 135 0.73 25.01 -11.99
C ASP B 135 1.90 24.02 -11.99
N ILE B 136 1.63 22.72 -11.75
CA ILE B 136 2.70 21.71 -11.83
C ILE B 136 3.24 21.65 -13.25
N ASP B 137 4.50 21.27 -13.39
CA ASP B 137 5.10 21.04 -14.69
C ASP B 137 4.48 19.80 -15.33
N ALA B 138 3.63 20.02 -16.34
CA ALA B 138 2.91 18.92 -16.98
C ALA B 138 3.85 17.89 -17.61
N ASP B 139 5.01 18.35 -18.06
CA ASP B 139 5.95 17.46 -18.74
C ASP B 139 6.69 16.55 -17.78
N LYS B 140 7.21 17.14 -16.70
CA LYS B 140 8.13 16.46 -15.81
C LYS B 140 7.47 15.79 -14.62
N HIS B 141 6.27 16.25 -14.27
CA HIS B 141 5.63 15.79 -13.05
C HIS B 141 5.33 14.28 -13.01
N PRO B 142 4.80 13.67 -14.11
CA PRO B 142 4.49 12.23 -14.02
C PRO B 142 5.66 11.32 -13.58
N ALA B 143 6.83 11.51 -14.18
CA ALA B 143 7.99 10.71 -13.80
C ALA B 143 8.41 11.03 -12.37
N ARG B 144 8.21 12.27 -11.94
CA ARG B 144 8.55 12.62 -10.55
C ARG B 144 7.62 11.86 -9.60
N VAL B 145 6.35 11.78 -9.96
CA VAL B 145 5.39 11.08 -9.13
C VAL B 145 5.76 9.60 -9.04
N VAL B 146 6.11 9.02 -10.18
CA VAL B 146 6.52 7.61 -10.16
C VAL B 146 7.72 7.43 -9.23
N ARG B 147 8.74 8.28 -9.37
CA ARG B 147 9.93 8.14 -8.51
C ARG B 147 9.56 8.29 -7.04
N ALA B 148 8.69 9.24 -6.73
CA ALA B 148 8.29 9.46 -5.32
C ALA B 148 7.50 8.28 -4.75
N ILE B 149 6.63 7.71 -5.57
CA ILE B 149 5.87 6.53 -5.15
C ILE B 149 6.84 5.39 -4.84
N GLY B 150 7.81 5.18 -5.74
CA GLY B 150 8.84 4.19 -5.54
C GLY B 150 9.60 4.42 -4.23
N GLU B 151 9.99 5.66 -3.96
CA GLU B 151 10.70 5.97 -2.71
C GLU B 151 9.84 5.72 -1.47
N LEU B 152 8.58 6.13 -1.50
CA LEU B 152 7.73 5.90 -0.32
C LEU B 152 7.58 4.40 -0.07
N ALA B 153 7.29 3.67 -1.14
CA ALA B 153 7.06 2.22 -1.03
C ALA B 153 8.32 1.53 -0.52
N ARG B 154 9.46 1.91 -1.07
CA ARG B 154 10.73 1.32 -0.65
C ARG B 154 10.97 1.60 0.83
N CYS B 155 10.64 2.77 1.33
CA CYS B 155 10.87 3.06 2.73
C CYS B 155 9.92 2.37 3.69
N ILE B 156 8.82 1.88 3.18
CA ILE B 156 7.83 1.25 4.07
C ILE B 156 8.05 -0.24 4.33
N GLY B 157 8.49 -0.96 3.30
CA GLY B 157 8.47 -2.42 3.32
C GLY B 157 9.69 -3.09 3.92
N SER B 158 10.12 -4.17 3.27
CA SER B 158 11.12 -5.04 3.85
C SER B 158 12.53 -4.45 3.79
N GLU B 159 12.64 -3.27 3.19
CA GLU B 159 13.89 -2.52 3.15
C GLU B 159 13.82 -1.31 4.06
N GLY B 160 12.69 -1.15 4.74
CA GLY B 160 12.50 0.00 5.60
C GLY B 160 11.70 -0.32 6.85
N LEU B 161 10.58 0.36 6.99
CA LEU B 161 9.78 0.35 8.22
C LEU B 161 9.47 -1.05 8.75
N VAL B 162 8.90 -1.89 7.89
CA VAL B 162 8.47 -3.21 8.32
C VAL B 162 9.65 -4.08 8.75
N ALA B 163 10.77 -4.00 8.03
CA ALA B 163 11.99 -4.73 8.39
C ALA B 163 12.43 -4.39 9.82
N GLY B 164 12.36 -3.10 10.13
CA GLY B 164 12.70 -2.62 11.46
C GLY B 164 11.74 -3.15 12.51
N GLN B 165 10.45 -3.16 12.17
CA GLN B 165 9.43 -3.67 13.09
C GLN B 165 9.65 -5.14 13.39
N VAL B 166 9.96 -5.90 12.33
CA VAL B 166 10.22 -7.33 12.45
C VAL B 166 11.41 -7.59 13.34
N VAL B 167 12.52 -6.91 13.04
CA VAL B 167 13.72 -7.15 13.83
C VAL B 167 13.52 -6.73 15.31
N ASP B 168 12.83 -5.61 15.53
CA ASP B 168 12.50 -5.17 16.89
C ASP B 168 11.61 -6.19 17.60
N LEU B 169 10.72 -6.86 16.86
CA LEU B 169 9.87 -7.89 17.46
C LEU B 169 10.66 -9.10 17.92
N GLU B 170 11.68 -9.48 17.16
CA GLU B 170 12.48 -10.65 17.51
C GLU B 170 13.15 -10.43 18.85
N MET B 171 13.23 -9.15 19.21
CA MET B 171 13.85 -8.62 20.39
C MET B 171 15.31 -9.01 20.39
N THR B 177 20.01 -8.63 25.91
CA THR B 177 20.37 -7.30 25.43
C THR B 177 20.73 -7.34 23.94
N VAL B 178 20.46 -6.24 23.26
CA VAL B 178 20.62 -6.16 21.81
C VAL B 178 21.99 -5.54 21.47
N PRO B 179 22.74 -6.14 20.53
CA PRO B 179 24.02 -5.51 20.14
C PRO B 179 23.82 -4.18 19.44
N LEU B 180 24.86 -3.36 19.48
CA LEU B 180 24.79 -1.99 18.97
C LEU B 180 24.43 -1.93 17.48
N GLU B 181 24.98 -2.86 16.72
CA GLU B 181 24.72 -2.94 15.29
C GLU B 181 23.24 -3.19 15.01
N ARG B 182 22.63 -4.07 15.78
CA ARG B 182 21.24 -4.41 15.65
C ARG B 182 20.35 -3.26 16.09
N LEU B 183 20.73 -2.57 17.14
CA LEU B 183 19.98 -1.40 17.61
C LEU B 183 20.00 -0.33 16.51
N GLU B 184 21.18 -0.15 15.92
CA GLU B 184 21.33 0.82 14.86
C GLU B 184 20.47 0.43 13.66
N TYR B 185 20.46 -0.86 13.33
CA TYR B 185 19.59 -1.37 12.26
C TYR B 185 18.13 -1.02 12.54
N ILE B 186 17.65 -1.38 13.72
CA ILE B 186 16.27 -1.13 14.08
C ILE B 186 15.94 0.33 13.97
N HIS B 187 16.79 1.19 14.52
CA HIS B 187 16.47 2.63 14.48
C HIS B 187 16.47 3.20 13.06
N LEU B 188 17.43 2.79 12.25
CA LEU B 188 17.51 3.25 10.87
C LEU B 188 16.28 2.82 10.08
N HIS B 189 15.77 1.61 10.36
CA HIS B 189 14.61 1.12 9.59
C HIS B 189 13.24 1.53 10.13
N LYS B 190 13.10 1.48 11.44
CA LYS B 190 11.82 1.78 12.09
C LYS B 190 11.55 3.27 12.18
N THR B 191 12.61 4.08 12.18
CA THR B 191 12.45 5.52 12.35
C THR B 191 13.05 6.34 11.22
N ALA B 192 14.31 6.07 10.90
CA ALA B 192 14.98 6.91 9.91
C ALA B 192 14.39 6.75 8.50
N ALA B 193 13.96 5.54 8.13
CA ALA B 193 13.55 5.31 6.73
C ALA B 193 12.42 6.26 6.29
N LEU B 194 11.45 6.48 7.17
CA LEU B 194 10.29 7.28 6.80
C LEU B 194 10.63 8.80 6.79
N LEU B 195 11.58 9.22 7.61
CA LEU B 195 12.07 10.61 7.52
C LEU B 195 12.80 10.81 6.21
N GLU B 196 13.60 9.81 5.85
CA GLU B 196 14.35 9.82 4.60
C GLU B 196 13.37 9.95 3.46
N ALA B 197 12.31 9.13 3.48
CA ALA B 197 11.30 9.20 2.44
C ALA B 197 10.67 10.60 2.42
N SER B 198 10.36 11.16 3.57
CA SER B 198 9.71 12.48 3.60
C SER B 198 10.53 13.53 2.87
N VAL B 199 11.80 13.65 3.25
CA VAL B 199 12.55 14.72 2.61
C VAL B 199 12.87 14.37 1.16
N VAL B 200 13.13 13.09 0.87
CA VAL B 200 13.51 12.73 -0.50
C VAL B 200 12.35 12.92 -1.49
N ILE B 201 11.17 12.51 -1.09
CA ILE B 201 9.96 12.68 -1.90
C ILE B 201 9.66 14.16 -2.11
N GLY B 202 9.78 14.93 -1.05
CA GLY B 202 9.66 16.38 -1.15
C GLY B 202 10.62 16.96 -2.18
N ALA B 203 11.88 16.56 -2.14
CA ALA B 203 12.88 17.07 -3.09
C ALA B 203 12.58 16.62 -4.52
N ILE B 204 12.14 15.38 -4.67
CA ILE B 204 11.82 14.85 -6.00
C ILE B 204 10.70 15.69 -6.64
N LEU B 205 9.60 15.85 -5.92
CA LEU B 205 8.46 16.58 -6.45
C LEU B 205 8.76 18.05 -6.64
N GLY B 206 9.73 18.57 -5.89
CA GLY B 206 10.12 19.95 -6.06
C GLY B 206 11.02 20.13 -7.26
N GLY B 207 11.39 19.03 -7.91
CA GLY B 207 12.23 19.12 -9.09
C GLY B 207 13.72 19.16 -8.76
N GLY B 208 14.09 18.69 -7.57
CA GLY B 208 15.48 18.69 -7.18
C GLY B 208 16.32 17.81 -8.10
N SER B 209 17.59 18.18 -8.24
CA SER B 209 18.56 17.36 -8.97
C SER B 209 18.96 16.16 -8.13
N ASP B 210 19.53 15.16 -8.79
CA ASP B 210 20.05 14.00 -8.09
C ASP B 210 21.06 14.38 -7.01
N GLU B 211 21.89 15.39 -7.29
CA GLU B 211 22.86 15.88 -6.31
C GLU B 211 22.16 16.41 -5.05
N GLN B 212 21.13 17.20 -5.28
CA GLN B 212 20.38 17.80 -4.17
C GLN B 212 19.68 16.72 -3.37
N ILE B 213 19.07 15.79 -4.08
CA ILE B 213 18.34 14.71 -3.43
C ILE B 213 19.26 13.87 -2.57
N GLU B 214 20.46 13.55 -3.07
CA GLU B 214 21.37 12.73 -2.28
C GLU B 214 21.90 13.47 -1.03
N SER B 215 22.18 14.76 -1.16
CA SER B 215 22.53 15.51 0.07
C SER B 215 21.38 15.49 1.07
N LEU B 216 20.16 15.72 0.57
CA LEU B 216 19.00 15.74 1.47
C LEU B 216 18.78 14.39 2.12
N ARG B 217 19.03 13.33 1.37
CA ARG B 217 18.91 11.97 1.90
C ARG B 217 19.89 11.76 3.08
N MET B 218 21.14 12.21 2.93
CA MET B 218 22.11 12.06 4.03
C MET B 218 21.72 12.88 5.27
N TYR B 219 21.22 14.09 5.03
CA TYR B 219 20.63 14.91 6.09
C TYR B 219 19.52 14.15 6.83
N ALA B 220 18.63 13.54 6.05
CA ALA B 220 17.45 12.88 6.61
C ALA B 220 17.82 11.66 7.41
N ARG B 221 18.84 10.94 6.96
CA ARG B 221 19.28 9.77 7.68
C ARG B 221 19.91 10.16 9.01
N SER B 222 20.67 11.25 9.00
CA SER B 222 21.25 11.73 10.26
C SER B 222 20.17 12.21 11.23
N ILE B 223 19.24 13.04 10.78
CA ILE B 223 18.22 13.49 11.74
C ILE B 223 17.30 12.32 12.13
N GLY B 224 17.21 11.32 11.26
CA GLY B 224 16.40 10.14 11.51
C GLY B 224 16.95 9.34 12.66
N LEU B 225 18.25 9.07 12.63
CA LEU B 225 18.91 8.44 13.77
C LEU B 225 18.83 9.31 15.01
N LEU B 226 19.13 10.59 14.83
CA LEU B 226 19.10 11.56 15.93
C LEU B 226 17.78 11.52 16.68
N PHE B 227 16.69 11.43 15.91
CA PHE B 227 15.34 11.41 16.45
C PHE B 227 15.24 10.33 17.51
N GLN B 228 15.70 9.12 17.13
CA GLN B 228 15.60 7.99 18.03
C GLN B 228 16.60 8.04 19.19
N VAL B 229 17.81 8.54 18.93
CA VAL B 229 18.82 8.65 19.99
C VAL B 229 18.29 9.57 21.10
N VAL B 230 17.69 10.68 20.68
CA VAL B 230 17.14 11.64 21.63
C VAL B 230 15.94 11.03 22.34
N ASP B 231 15.16 10.23 21.61
CA ASP B 231 14.05 9.48 22.22
C ASP B 231 14.53 8.57 23.35
N ASP B 232 15.57 7.78 23.08
CA ASP B 232 16.19 6.92 24.08
C ASP B 232 16.71 7.72 25.29
N ILE B 233 17.37 8.85 25.02
CA ILE B 233 17.92 9.65 26.12
C ILE B 233 16.80 10.19 27.04
N LEU B 234 15.76 10.76 26.43
CA LEU B 234 14.64 11.28 27.21
C LEU B 234 13.91 10.18 27.99
N ASP B 235 13.76 9.01 27.37
CA ASP B 235 13.08 7.88 28.02
C ASP B 235 13.87 7.30 29.17
N VAL B 236 15.20 7.36 29.09
CA VAL B 236 16.03 6.84 30.16
C VAL B 236 16.09 7.85 31.31
N THR B 237 15.95 9.13 31.01
CA THR B 237 15.97 10.10 32.10
C THR B 237 14.63 10.10 32.86
N LYS B 238 13.55 9.76 32.15
CA LYS B 238 12.25 9.57 32.79
C LYS B 238 11.97 8.08 33.05
N THR B 256 16.46 -2.34 25.24
CA THR B 256 17.81 -1.88 24.91
C THR B 256 17.80 -0.51 24.25
N THR B 257 18.54 0.42 24.83
CA THR B 257 18.62 1.79 24.34
C THR B 257 20.08 2.21 24.23
N TYR B 258 20.36 3.31 23.53
CA TYR B 258 21.74 3.78 23.45
C TYR B 258 22.36 4.09 24.82
N PRO B 259 21.61 4.71 25.76
CA PRO B 259 22.31 4.87 27.05
C PRO B 259 22.54 3.56 27.79
N LYS B 260 21.67 2.56 27.60
CA LYS B 260 21.94 1.29 28.26
C LYS B 260 23.24 0.66 27.73
N LEU B 261 23.51 0.85 26.44
CA LEU B 261 24.71 0.27 25.82
C LEU B 261 25.98 1.09 26.05
N LEU B 262 25.88 2.40 25.84
CA LEU B 262 27.05 3.28 25.80
C LEU B 262 27.13 4.24 26.97
N GLY B 263 26.04 4.38 27.71
CA GLY B 263 25.98 5.40 28.73
C GLY B 263 25.42 6.71 28.22
N LEU B 264 24.92 7.51 29.16
CA LEU B 264 24.22 8.74 28.82
C LEU B 264 25.11 9.78 28.14
N GLU B 265 26.36 9.89 28.58
CA GLU B 265 27.23 10.94 28.05
C GLU B 265 27.68 10.62 26.63
N LYS B 266 28.01 9.35 26.37
CA LYS B 266 28.38 8.98 24.99
C LYS B 266 27.17 9.08 24.07
N SER B 267 25.99 8.77 24.60
CA SER B 267 24.76 8.92 23.83
C SER B 267 24.57 10.40 23.43
N ARG B 268 24.77 11.31 24.40
CA ARG B 268 24.64 12.75 24.12
C ARG B 268 25.67 13.22 23.10
N GLU B 269 26.89 12.70 23.21
CA GLU B 269 27.93 13.04 22.24
C GLU B 269 27.55 12.57 20.83
N PHE B 270 26.97 11.39 20.75
CA PHE B 270 26.57 10.82 19.48
C PHE B 270 25.48 11.68 18.86
N ALA B 271 24.54 12.12 19.70
CA ALA B 271 23.47 12.99 19.27
C ALA B 271 24.01 14.29 18.72
N GLU B 272 25.01 14.85 19.42
CA GLU B 272 25.69 16.07 18.97
C GLU B 272 26.31 15.89 17.59
N LYS B 273 26.97 14.76 17.41
CA LYS B 273 27.60 14.46 16.13
C LYS B 273 26.58 14.33 15.00
N LEU B 274 25.47 13.66 15.28
CA LEU B 274 24.43 13.51 14.28
C LEU B 274 23.85 14.87 13.89
N LEU B 275 23.60 15.73 14.87
CA LEU B 275 23.05 17.05 14.57
C LEU B 275 24.01 17.85 13.71
N SER B 276 25.30 17.79 14.07
CA SER B 276 26.32 18.52 13.33
C SER B 276 26.47 17.99 11.90
N ASP B 277 26.43 16.67 11.75
CA ASP B 277 26.47 16.04 10.42
C ASP B 277 25.30 16.46 9.53
N ALA B 278 24.10 16.38 10.09
CA ALA B 278 22.90 16.81 9.38
C ALA B 278 23.01 18.27 8.92
N ARG B 279 23.40 19.16 9.83
CA ARG B 279 23.49 20.58 9.48
C ARG B 279 24.55 20.77 8.39
N GLU B 280 25.63 20.01 8.46
CA GLU B 280 26.69 20.09 7.46
C GLU B 280 26.24 19.61 6.06
N GLN B 281 25.32 18.64 6.02
CA GLN B 281 24.80 18.15 4.73
C GLN B 281 24.07 19.22 3.90
N LEU B 282 23.66 20.29 4.54
CA LEU B 282 22.94 21.37 3.87
C LEU B 282 23.85 22.52 3.46
N SER B 283 25.17 22.37 3.62
CA SER B 283 26.08 23.49 3.39
C SER B 283 26.09 23.91 1.90
N GLY B 284 25.50 23.09 1.05
CA GLY B 284 25.42 23.42 -0.36
C GLY B 284 24.17 24.21 -0.73
N PHE B 285 23.26 24.38 0.23
CA PHE B 285 22.04 25.14 -0.03
C PHE B 285 22.12 26.56 0.46
N ASP B 286 21.33 27.43 -0.15
CA ASP B 286 21.14 28.81 0.31
C ASP B 286 20.65 28.71 1.75
N GLN B 287 21.39 29.25 2.71
CA GLN B 287 21.03 29.00 4.10
C GLN B 287 19.70 29.66 4.54
N GLU B 288 19.29 30.72 3.85
CA GLU B 288 17.99 31.33 4.13
C GLU B 288 16.88 30.37 3.74
N THR B 289 17.03 29.79 2.55
CA THR B 289 16.08 28.81 2.05
C THR B 289 16.11 27.51 2.86
N ALA B 290 17.28 27.12 3.37
CA ALA B 290 17.36 25.89 4.15
C ALA B 290 17.01 26.07 5.64
N ALA B 291 16.67 27.30 6.04
CA ALA B 291 16.28 27.60 7.43
C ALA B 291 15.26 26.60 8.02
N PRO B 292 14.18 26.27 7.28
CA PRO B 292 13.27 25.33 7.94
C PRO B 292 13.93 23.99 8.26
N LEU B 293 14.75 23.47 7.36
CA LEU B 293 15.39 22.18 7.63
C LEU B 293 16.39 22.31 8.77
N LEU B 294 17.14 23.42 8.78
CA LEU B 294 18.09 23.63 9.86
C LEU B 294 17.33 23.68 11.17
N HIS B 295 16.22 24.41 11.18
CA HIS B 295 15.50 24.54 12.42
C HIS B 295 14.85 23.24 12.79
N LEU B 296 14.43 22.48 11.77
CA LEU B 296 13.78 21.21 12.06
C LEU B 296 14.80 20.30 12.73
N ALA B 297 16.05 20.37 12.27
CA ALA B 297 17.05 19.49 12.87
C ALA B 297 17.20 19.87 14.34
N ASN B 298 17.27 21.16 14.62
CA ASN B 298 17.40 21.64 15.99
C ASN B 298 16.25 21.11 16.80
N TYR B 299 15.06 21.23 16.21
CA TYR B 299 13.87 20.83 16.91
C TYR B 299 13.95 19.35 17.30
N ILE B 300 14.44 18.53 16.38
CA ILE B 300 14.51 17.10 16.63
C ILE B 300 15.51 16.81 17.76
N ALA B 301 16.61 17.57 17.74
CA ALA B 301 17.69 17.35 18.70
C ALA B 301 17.35 17.73 20.12
N TYR B 302 16.58 18.81 20.28
CA TYR B 302 16.46 19.45 21.59
C TYR B 302 15.10 19.24 22.27
N ARG B 303 14.32 18.28 21.77
CA ARG B 303 13.04 17.95 22.42
C ARG B 303 13.23 17.63 23.92
N GLN B 304 12.19 17.88 24.72
CA GLN B 304 12.28 17.62 26.16
C GLN B 304 11.22 16.68 26.70
N ASN B 305 10.29 16.25 25.84
CA ASN B 305 9.23 15.34 26.28
C ASN B 305 9.74 13.95 26.66
#